data_4ZW9
#
_entry.id   4ZW9
#
_cell.length_a   48.338
_cell.length_b   118.132
_cell.length_c   51.341
_cell.angle_alpha   90.00
_cell.angle_beta   102.67
_cell.angle_gamma   90.00
#
_symmetry.space_group_name_H-M   'P 1 21 1'
#
loop_
_entity.id
_entity.type
_entity.pdbx_description
1 polymer 'Solute carrier family 2, facilitated glucose transporter member 3'
2 non-polymer '(2R)-2,3-dihydroxypropyl (9Z)-octadec-9-enoate'
3 non-polymer alpha-D-glucopyranose
4 non-polymer beta-D-glucopyranose
5 water water
#
_entity_poly.entity_id   1
_entity_poly.type   'polypeptide(L)'
_entity_poly.pdbx_seq_one_letter_code
;MHHHHHHHHHHSGDEVDAGSGHMGTQKVTPALIFAITVATIGSFQFGYNTGVINAPEKIIKEFITKTLTDKGNAPPSEVL
LTSLWSLSVAIFSVGGMIGSFSVGLFVNRFGRRNSMLIVNLLAVTGGCFMGLCKVAKSVEMLILGRLVIGLFCGLCTGFV
PMYIGEISPTALRGAFGTLNQLGIVVGILVAQIFGLEFILGSEELWPLLLGFTILPAILQSAALPFCPESPRFLLINRKE
EENAKQILQRLWGTQDVSQDIQEMKDESARMSQEKQVTVLELFRVSSYRQPIIISIVLQLSQQLSGINAVFYYSTGIFKD
AGVQEPIYATIGAGVVNTIFTVVSLFLVERAGRRTLHMIGLGGMAFCSTLMTVSLLLKDNYNGMSFVCIGAILVFVAFFE
IGPGPIPWFIVAELFSQGPRPAAMAVAGCSNWTSNFLVGLLFPSAAHYLGAYVFIIFTGFLITFLAFTFFKVPETRGRTF
EDITRAFEGQAHGADRSGKDGVMEMNSIEPAKETTTNV
;
_entity_poly.pdbx_strand_id   A
#
loop_
_chem_comp.id
_chem_comp.type
_chem_comp.name
_chem_comp.formula
BGC D-saccharide, beta linking beta-D-glucopyranose 'C6 H12 O6'
GLC D-saccharide, alpha linking alpha-D-glucopyranose 'C6 H12 O6'
OLC non-polymer '(2R)-2,3-dihydroxypropyl (9Z)-octadec-9-enoate' 'C21 H40 O4'
#
# COMPACT_ATOMS: atom_id res chain seq x y z
N MET A 23 28.43 1.70 0.09
CA MET A 23 28.06 2.68 -0.93
C MET A 23 29.18 3.01 -1.90
N GLY A 24 30.42 2.83 -1.48
CA GLY A 24 31.55 3.28 -2.27
C GLY A 24 31.56 4.78 -2.34
N THR A 25 31.57 5.30 -3.56
CA THR A 25 31.53 6.71 -3.81
C THR A 25 30.09 7.19 -4.06
N GLN A 26 29.12 6.29 -3.98
CA GLN A 26 27.72 6.67 -4.10
C GLN A 26 27.24 7.54 -2.95
N LYS A 27 26.39 8.49 -3.26
CA LYS A 27 25.93 9.46 -2.27
C LYS A 27 24.43 9.69 -2.37
N VAL A 28 23.84 10.12 -1.26
CA VAL A 28 22.45 10.52 -1.28
C VAL A 28 22.38 12.00 -1.65
N THR A 29 22.04 12.28 -2.91
CA THR A 29 22.04 13.63 -3.42
C THR A 29 20.67 14.28 -3.26
N PRO A 30 20.63 15.62 -3.33
CA PRO A 30 19.32 16.28 -3.36
C PRO A 30 18.47 15.82 -4.55
N ALA A 31 19.11 15.54 -5.68
CA ALA A 31 18.42 15.04 -6.86
C ALA A 31 17.72 13.71 -6.57
N LEU A 32 18.44 12.83 -5.89
CA LEU A 32 17.87 11.53 -5.52
C LEU A 32 16.72 11.67 -4.53
N ILE A 33 16.89 12.51 -3.51
CA ILE A 33 15.84 12.74 -2.54
C ILE A 33 14.61 13.36 -3.20
N PHE A 34 14.85 14.28 -4.13
CA PHE A 34 13.75 14.89 -4.89
C PHE A 34 12.95 13.83 -5.67
N ALA A 35 13.65 13.00 -6.44
CA ALA A 35 12.97 12.00 -7.26
C ALA A 35 12.16 11.04 -6.41
N ILE A 36 12.76 10.57 -5.31
CA ILE A 36 12.07 9.63 -4.45
C ILE A 36 10.86 10.27 -3.78
N THR A 37 11.04 11.47 -3.23
CA THR A 37 9.94 12.15 -2.55
C THR A 37 8.77 12.46 -3.50
N VAL A 38 9.07 12.90 -4.71
CA VAL A 38 8.03 13.15 -5.70
C VAL A 38 7.28 11.86 -6.03
N ALA A 39 8.01 10.76 -6.19
CA ALA A 39 7.35 9.48 -6.41
C ALA A 39 6.40 9.12 -5.27
N THR A 40 6.83 9.37 -4.03
CA THR A 40 6.01 8.97 -2.88
C THR A 40 4.79 9.86 -2.66
N ILE A 41 4.61 10.89 -3.49
CA ILE A 41 3.33 11.59 -3.45
C ILE A 41 2.21 10.63 -3.85
N GLY A 42 2.51 9.70 -4.75
CA GLY A 42 1.54 8.67 -5.10
C GLY A 42 1.23 7.76 -3.92
N SER A 43 2.26 7.44 -3.13
CA SER A 43 2.09 6.67 -1.90
C SER A 43 1.16 7.41 -0.95
N PHE A 44 1.42 8.70 -0.79
CA PHE A 44 0.57 9.57 0.04
C PHE A 44 -0.87 9.50 -0.43
N GLN A 45 -1.07 9.54 -1.75
CA GLN A 45 -2.41 9.45 -2.33
C GLN A 45 -3.12 8.15 -1.96
N PHE A 46 -2.40 7.04 -2.01
CA PHE A 46 -2.98 5.77 -1.63
C PHE A 46 -3.39 5.79 -0.16
N GLY A 47 -2.50 6.24 0.72
CA GLY A 47 -2.86 6.35 2.13
C GLY A 47 -4.03 7.29 2.40
N TYR A 48 -3.99 8.47 1.79
CA TYR A 48 -5.04 9.46 1.99
C TYR A 48 -6.39 8.90 1.57
N ASN A 49 -6.46 8.30 0.37
CA ASN A 49 -7.74 7.82 -0.14
C ASN A 49 -8.22 6.56 0.59
N THR A 50 -7.28 5.81 1.14
CA THR A 50 -7.64 4.68 2.00
C THR A 50 -8.29 5.16 3.28
N GLY A 51 -7.69 6.16 3.92
CA GLY A 51 -8.17 6.57 5.23
C GLY A 51 -9.28 7.62 5.27
N VAL A 52 -9.38 8.42 4.22
CA VAL A 52 -10.19 9.64 4.29
C VAL A 52 -11.68 9.36 4.41
N ILE A 53 -12.13 8.24 3.87
CA ILE A 53 -13.57 7.97 3.79
C ILE A 53 -14.17 7.61 5.14
N ASN A 54 -13.32 7.22 6.09
CA ASN A 54 -13.83 6.64 7.33
C ASN A 54 -14.43 7.65 8.31
N ALA A 55 -13.72 8.72 8.63
CA ALA A 55 -14.24 9.73 9.55
C ALA A 55 -15.62 10.31 9.14
N PRO A 56 -15.82 10.65 7.85
CA PRO A 56 -17.13 11.22 7.49
C PRO A 56 -18.23 10.22 7.17
N GLU A 57 -18.13 8.99 7.69
CA GLU A 57 -19.12 7.96 7.37
C GLU A 57 -20.57 8.40 7.62
N LYS A 58 -20.83 8.99 8.77
CA LYS A 58 -22.20 9.36 9.11
C LYS A 58 -22.71 10.48 8.21
N ILE A 59 -21.84 11.45 7.93
CA ILE A 59 -22.19 12.55 7.04
C ILE A 59 -22.47 12.06 5.62
N ILE A 60 -21.65 11.11 5.15
CA ILE A 60 -21.86 10.58 3.81
C ILE A 60 -23.16 9.78 3.74
N LYS A 61 -23.48 9.05 4.81
CA LYS A 61 -24.75 8.34 4.85
C LYS A 61 -25.94 9.30 4.81
N GLU A 62 -25.81 10.44 5.47
CA GLU A 62 -26.85 11.47 5.39
C GLU A 62 -26.96 12.05 3.98
N PHE A 63 -25.81 12.22 3.31
CA PHE A 63 -25.84 12.65 1.94
C PHE A 63 -26.60 11.66 1.06
N ILE A 64 -26.35 10.37 1.26
CA ILE A 64 -27.02 9.34 0.47
C ILE A 64 -28.54 9.38 0.71
N THR A 65 -28.93 9.51 1.96
CA THR A 65 -30.34 9.59 2.33
C THR A 65 -31.02 10.80 1.70
N LYS A 66 -30.43 11.96 1.89
CA LYS A 66 -31.01 13.20 1.40
C LYS A 66 -31.04 13.27 -0.13
N THR A 67 -30.03 12.69 -0.77
CA THR A 67 -30.01 12.66 -2.22
C THR A 67 -31.13 11.78 -2.77
N LEU A 68 -31.36 10.64 -2.14
CA LEU A 68 -32.41 9.75 -2.58
C LEU A 68 -33.78 10.41 -2.43
N THR A 69 -34.00 11.09 -1.30
CA THR A 69 -35.30 11.70 -1.06
C THR A 69 -35.47 13.02 -1.81
N ASP A 70 -34.38 13.76 -2.01
CA ASP A 70 -34.45 14.99 -2.81
C ASP A 70 -34.90 14.68 -4.22
N LYS A 71 -34.52 13.50 -4.72
CA LYS A 71 -34.92 13.08 -6.05
C LYS A 71 -36.32 12.47 -6.03
N GLY A 72 -36.87 12.30 -4.84
CA GLY A 72 -38.26 11.87 -4.72
C GLY A 72 -38.47 10.45 -4.23
N ASN A 73 -37.39 9.69 -4.12
CA ASN A 73 -37.46 8.32 -3.64
C ASN A 73 -37.83 8.23 -2.18
N ALA A 74 -38.29 7.06 -1.75
CA ALA A 74 -38.46 6.79 -0.34
C ALA A 74 -37.08 6.83 0.30
N PRO A 75 -37.02 7.25 1.58
CA PRO A 75 -35.75 7.20 2.30
C PRO A 75 -35.25 5.77 2.39
N PRO A 76 -33.94 5.59 2.27
CA PRO A 76 -33.40 4.23 2.37
C PRO A 76 -33.48 3.68 3.78
N SER A 77 -33.66 2.36 3.88
CA SER A 77 -33.56 1.66 5.15
C SER A 77 -32.11 1.66 5.62
N GLU A 78 -31.89 1.21 6.86
CA GLU A 78 -30.53 1.03 7.36
C GLU A 78 -29.77 0.00 6.53
N VAL A 79 -30.49 -1.03 6.06
CA VAL A 79 -29.90 -2.05 5.20
C VAL A 79 -29.37 -1.48 3.88
N LEU A 80 -30.19 -0.67 3.21
CA LEU A 80 -29.78 -0.07 1.94
C LEU A 80 -28.66 0.96 2.15
N LEU A 81 -28.76 1.74 3.21
CA LEU A 81 -27.72 2.72 3.52
C LEU A 81 -26.39 2.04 3.80
N THR A 82 -26.41 0.94 4.52
CA THR A 82 -25.22 0.19 4.81
C THR A 82 -24.69 -0.38 3.53
N SER A 83 -25.58 -0.92 2.73
CA SER A 83 -25.11 -1.41 1.38
CA SER A 83 -25.11 -1.49 1.44
C SER A 83 -24.47 -0.34 0.34
N LEU A 84 -25.08 0.83 0.40
CA LEU A 84 -24.56 1.90 -0.45
C LEU A 84 -23.29 2.49 0.13
N TRP A 85 -23.23 2.58 1.46
CA TRP A 85 -21.99 2.98 2.13
C TRP A 85 -20.89 1.98 1.81
N SER A 86 -21.18 0.69 2.00
N SER A 86 -21.18 0.61 2.06
CA SER A 86 -20.18 -0.35 1.73
CA SER A 86 -20.18 -0.43 1.79
C SER A 86 -19.72 -0.32 0.28
C SER A 86 -19.72 -0.40 0.34
N LEU A 87 -20.63 -0.04 -0.65
CA LEU A 87 -20.24 0.08 -2.06
C LEU A 87 -19.29 1.26 -2.25
N SER A 88 -19.60 2.37 -1.59
CA SER A 88 -18.77 3.58 -1.70
C SER A 88 -17.35 3.34 -1.21
N VAL A 89 -17.23 2.54 -0.15
CA VAL A 89 -15.94 2.21 0.39
C VAL A 89 -15.24 1.16 -0.48
N ALA A 90 -15.95 0.07 -0.76
CA ALA A 90 -15.34 -1.08 -1.40
C ALA A 90 -15.01 -0.92 -2.89
N ILE A 91 -15.73 -0.05 -3.59
N ILE A 91 -15.69 -0.04 -3.60
CA ILE A 91 -15.47 0.10 -5.03
CA ILE A 91 -15.44 0.11 -5.02
C ILE A 91 -14.07 0.67 -5.25
C ILE A 91 -14.05 0.71 -5.25
N PHE A 92 -13.55 1.37 -4.24
CA PHE A 92 -12.17 1.81 -4.24
C PHE A 92 -11.22 0.61 -4.35
N SER A 93 -11.51 -0.45 -3.59
CA SER A 93 -10.68 -1.67 -3.66
C SER A 93 -10.83 -2.38 -5.00
N VAL A 94 -12.02 -2.38 -5.57
CA VAL A 94 -12.22 -2.93 -6.91
C VAL A 94 -11.39 -2.17 -7.95
N GLY A 95 -11.45 -0.84 -7.93
CA GLY A 95 -10.58 -0.02 -8.76
C GLY A 95 -9.11 -0.36 -8.54
N GLY A 96 -8.73 -0.52 -7.28
CA GLY A 96 -7.35 -0.87 -6.95
C GLY A 96 -6.93 -2.22 -7.48
N MET A 97 -7.83 -3.20 -7.45
CA MET A 97 -7.55 -4.52 -8.02
C MET A 97 -7.24 -4.42 -9.52
N ILE A 98 -8.06 -3.65 -10.23
CA ILE A 98 -7.89 -3.47 -11.67
C ILE A 98 -6.64 -2.67 -11.97
N GLY A 99 -6.45 -1.57 -11.24
CA GLY A 99 -5.31 -0.70 -11.49
C GLY A 99 -3.99 -1.39 -11.20
N SER A 100 -3.90 -2.07 -10.06
CA SER A 100 -2.65 -2.76 -9.73
C SER A 100 -2.34 -3.85 -10.76
N PHE A 101 -3.35 -4.57 -11.24
CA PHE A 101 -3.11 -5.61 -12.23
C PHE A 101 -2.63 -5.06 -13.57
N SER A 102 -2.95 -3.79 -13.84
CA SER A 102 -2.64 -3.11 -15.10
C SER A 102 -1.25 -2.47 -15.11
N VAL A 103 -0.53 -2.56 -14.00
CA VAL A 103 0.73 -1.85 -13.84
C VAL A 103 1.76 -2.24 -14.90
N GLY A 104 1.82 -3.53 -15.23
CA GLY A 104 2.82 -4.02 -16.16
C GLY A 104 2.67 -3.40 -17.52
N LEU A 105 1.42 -3.32 -17.99
CA LEU A 105 1.08 -2.65 -19.25
C LEU A 105 1.67 -1.25 -19.33
N PHE A 106 1.39 -0.43 -18.33
CA PHE A 106 1.83 0.96 -18.35
C PHE A 106 3.35 1.11 -18.31
N VAL A 107 4.02 0.46 -17.36
CA VAL A 107 5.43 0.80 -17.14
C VAL A 107 6.34 0.33 -18.27
N ASN A 108 5.94 -0.73 -18.97
CA ASN A 108 6.75 -1.22 -20.08
C ASN A 108 6.46 -0.46 -21.37
N ARG A 109 5.26 0.10 -21.48
CA ARG A 109 4.90 0.83 -22.70
C ARG A 109 5.33 2.29 -22.64
N PHE A 110 5.17 2.92 -21.47
CA PHE A 110 5.46 4.35 -21.34
C PHE A 110 6.73 4.65 -20.55
N GLY A 111 7.20 3.68 -19.78
CA GLY A 111 8.25 3.97 -18.81
C GLY A 111 7.65 4.14 -17.43
N ARG A 112 8.50 4.17 -16.41
CA ARG A 112 8.03 4.27 -15.03
C ARG A 112 7.64 5.71 -14.67
N ARG A 113 8.55 6.65 -14.90
CA ARG A 113 8.27 8.06 -14.65
C ARG A 113 7.09 8.55 -15.49
N ASN A 114 7.06 8.20 -16.77
CA ASN A 114 6.00 8.67 -17.65
C ASN A 114 4.65 8.10 -17.27
N SER A 115 4.62 6.86 -16.80
CA SER A 115 3.37 6.27 -16.32
C SER A 115 2.84 7.02 -15.10
N MET A 116 3.72 7.38 -14.17
CA MET A 116 3.25 8.13 -12.99
C MET A 116 2.68 9.49 -13.37
N LEU A 117 3.24 10.10 -14.40
CA LEU A 117 2.75 11.40 -14.86
C LEU A 117 1.36 11.26 -15.48
N ILE A 118 1.25 10.34 -16.44
CA ILE A 118 0.00 10.13 -17.18
C ILE A 118 -1.19 9.81 -16.28
N VAL A 119 -0.99 8.94 -15.29
CA VAL A 119 -2.14 8.49 -14.52
C VAL A 119 -2.66 9.54 -13.55
N ASN A 120 -1.96 10.67 -13.40
CA ASN A 120 -2.55 11.74 -12.59
C ASN A 120 -3.80 12.33 -13.25
N LEU A 121 -4.01 12.03 -14.52
CA LEU A 121 -5.28 12.37 -15.15
C LEU A 121 -6.43 11.64 -14.46
N LEU A 122 -6.18 10.40 -14.04
CA LEU A 122 -7.19 9.64 -13.29
C LEU A 122 -7.43 10.24 -11.92
N ALA A 123 -6.35 10.64 -11.25
CA ALA A 123 -6.45 11.21 -9.91
C ALA A 123 -7.27 12.50 -9.90
N VAL A 124 -7.02 13.38 -10.87
CA VAL A 124 -7.75 14.64 -10.89
C VAL A 124 -9.20 14.40 -11.28
N THR A 125 -9.42 13.49 -12.22
CA THR A 125 -10.78 13.15 -12.64
C THR A 125 -11.59 12.54 -11.50
N GLY A 126 -11.03 11.55 -10.81
CA GLY A 126 -11.72 10.94 -9.70
C GLY A 126 -11.97 11.91 -8.56
N GLY A 127 -10.96 12.75 -8.31
CA GLY A 127 -11.06 13.77 -7.29
C GLY A 127 -12.16 14.76 -7.58
N CYS A 128 -12.30 15.16 -8.84
CA CYS A 128 -13.36 16.09 -9.21
C CYS A 128 -14.75 15.45 -9.10
N PHE A 129 -14.85 14.18 -9.48
CA PHE A 129 -16.13 13.48 -9.32
C PHE A 129 -16.57 13.47 -7.86
N MET A 130 -15.63 13.20 -6.96
CA MET A 130 -15.96 13.15 -5.54
C MET A 130 -16.23 14.55 -4.99
N GLY A 131 -15.46 15.53 -5.45
CA GLY A 131 -15.65 16.90 -5.01
C GLY A 131 -16.96 17.51 -5.47
N LEU A 132 -17.49 17.01 -6.58
CA LEU A 132 -18.70 17.60 -7.18
C LEU A 132 -19.97 16.79 -6.92
N CYS A 133 -19.85 15.66 -6.24
CA CYS A 133 -21.00 14.75 -6.13
C CYS A 133 -22.14 15.35 -5.30
N LYS A 134 -21.81 16.20 -4.33
CA LYS A 134 -22.84 16.79 -3.49
C LYS A 134 -23.63 17.86 -4.24
N VAL A 135 -22.94 18.75 -4.96
CA VAL A 135 -23.66 19.79 -5.68
C VAL A 135 -24.44 19.17 -6.85
N ALA A 136 -23.94 18.06 -7.38
CA ALA A 136 -24.62 17.35 -8.46
C ALA A 136 -25.72 16.44 -7.93
N LYS A 137 -25.84 16.36 -6.61
CA LYS A 137 -26.80 15.48 -5.94
C LYS A 137 -26.77 14.09 -6.55
N SER A 138 -25.57 13.52 -6.64
CA SER A 138 -25.39 12.27 -7.34
C SER A 138 -24.60 11.26 -6.52
N VAL A 139 -25.27 10.23 -6.02
CA VAL A 139 -24.58 9.14 -5.35
C VAL A 139 -23.73 8.39 -6.37
N GLU A 140 -24.22 8.30 -7.60
CA GLU A 140 -23.48 7.66 -8.68
C GLU A 140 -22.09 8.29 -8.88
N MET A 141 -22.02 9.60 -8.74
CA MET A 141 -20.75 10.30 -8.96
C MET A 141 -19.76 10.03 -7.83
N LEU A 142 -20.25 9.92 -6.60
CA LEU A 142 -19.42 9.52 -5.48
C LEU A 142 -18.83 8.14 -5.75
N ILE A 143 -19.67 7.20 -6.18
CA ILE A 143 -19.23 5.83 -6.44
C ILE A 143 -18.23 5.77 -7.61
N LEU A 144 -18.55 6.44 -8.70
CA LEU A 144 -17.63 6.52 -9.84
C LEU A 144 -16.30 7.16 -9.45
N GLY A 145 -16.37 8.19 -8.62
CA GLY A 145 -15.18 8.88 -8.15
C GLY A 145 -14.28 7.95 -7.37
N ARG A 146 -14.87 7.17 -6.47
CA ARG A 146 -14.11 6.21 -5.67
C ARG A 146 -13.53 5.11 -6.55
N LEU A 147 -14.27 4.70 -7.58
CA LEU A 147 -13.76 3.70 -8.52
C LEU A 147 -12.52 4.23 -9.25
N VAL A 148 -12.62 5.45 -9.78
CA VAL A 148 -11.55 6.03 -10.58
C VAL A 148 -10.31 6.32 -9.72
N ILE A 149 -10.51 6.84 -8.51
CA ILE A 149 -9.36 7.10 -7.64
C ILE A 149 -8.77 5.76 -7.18
N GLY A 150 -9.60 4.72 -7.08
CA GLY A 150 -9.12 3.36 -6.85
C GLY A 150 -8.22 2.84 -7.98
N LEU A 151 -8.65 3.04 -9.22
CA LEU A 151 -7.80 2.71 -10.38
C LEU A 151 -6.43 3.39 -10.26
N PHE A 152 -6.46 4.68 -9.99
CA PHE A 152 -5.25 5.47 -9.80
C PHE A 152 -4.38 4.93 -8.67
N CYS A 153 -4.99 4.69 -7.50
CA CYS A 153 -4.19 4.24 -6.36
C CYS A 153 -3.63 2.82 -6.58
N GLY A 154 -4.38 1.95 -7.24
CA GLY A 154 -3.85 0.64 -7.58
C GLY A 154 -2.62 0.73 -8.47
N LEU A 155 -2.68 1.61 -9.47
CA LEU A 155 -1.51 1.87 -10.33
C LEU A 155 -0.34 2.39 -9.48
N CYS A 156 -0.61 3.35 -8.60
CA CYS A 156 0.43 3.89 -7.72
C CYS A 156 1.11 2.83 -6.87
N THR A 157 0.34 1.88 -6.34
CA THR A 157 0.94 0.93 -5.41
C THR A 157 1.95 0.05 -6.12
N GLY A 158 1.85 -0.08 -7.45
CA GLY A 158 2.85 -0.80 -8.22
C GLY A 158 3.94 0.13 -8.74
N PHE A 159 3.54 1.30 -9.24
CA PHE A 159 4.51 2.21 -9.86
C PHE A 159 5.58 2.67 -8.88
N VAL A 160 5.16 3.05 -7.67
CA VAL A 160 6.08 3.76 -6.79
C VAL A 160 7.21 2.87 -6.26
N PRO A 161 6.90 1.69 -5.68
CA PRO A 161 8.03 0.85 -5.25
C PRO A 161 8.89 0.35 -6.41
N MET A 162 8.29 0.18 -7.58
CA MET A 162 9.08 -0.19 -8.76
C MET A 162 10.08 0.93 -9.09
N TYR A 163 9.59 2.16 -9.16
CA TYR A 163 10.45 3.28 -9.51
C TYR A 163 11.54 3.47 -8.46
N ILE A 164 11.15 3.47 -7.19
CA ILE A 164 12.13 3.64 -6.13
C ILE A 164 13.17 2.51 -6.15
N GLY A 165 12.69 1.28 -6.33
CA GLY A 165 13.59 0.13 -6.40
C GLY A 165 14.57 0.24 -7.55
N GLU A 166 14.15 0.84 -8.65
CA GLU A 166 15.02 0.91 -9.83
C GLU A 166 15.98 2.11 -9.83
N ILE A 167 15.72 3.13 -9.01
CA ILE A 167 16.64 4.28 -8.98
C ILE A 167 17.52 4.36 -7.73
N SER A 168 17.24 3.53 -6.73
CA SER A 168 17.99 3.57 -5.47
C SER A 168 19.34 2.86 -5.55
N PRO A 169 20.35 3.41 -4.85
CA PRO A 169 21.59 2.63 -4.63
C PRO A 169 21.23 1.32 -3.94
N THR A 170 21.90 0.24 -4.32
CA THR A 170 21.56 -1.08 -3.80
C THR A 170 21.60 -1.12 -2.27
N ALA A 171 22.61 -0.47 -1.68
CA ALA A 171 22.81 -0.49 -0.23
C ALA A 171 21.70 0.21 0.55
N LEU A 172 20.90 1.04 -0.13
CA LEU A 172 19.82 1.75 0.53
C LEU A 172 18.45 1.45 -0.07
N ARG A 173 18.37 0.41 -0.90
CA ARG A 173 17.15 0.10 -1.63
C ARG A 173 15.97 -0.21 -0.70
N GLY A 174 16.26 -0.89 0.42
CA GLY A 174 15.20 -1.18 1.37
C GLY A 174 14.76 0.04 2.15
N ALA A 175 15.72 0.85 2.59
CA ALA A 175 15.39 2.08 3.30
C ALA A 175 14.54 2.98 2.42
N PHE A 176 14.99 3.19 1.18
CA PHE A 176 14.22 4.04 0.28
C PHE A 176 12.89 3.40 -0.08
N GLY A 177 12.87 2.09 -0.24
CA GLY A 177 11.61 1.38 -0.46
C GLY A 177 10.62 1.60 0.68
N THR A 178 11.13 1.76 1.89
CA THR A 178 10.27 2.00 3.06
C THR A 178 9.64 3.41 3.01
N LEU A 179 10.23 4.32 2.25
CA LEU A 179 9.61 5.65 2.10
C LEU A 179 8.28 5.60 1.38
N ASN A 180 8.06 4.58 0.57
CA ASN A 180 6.74 4.33 0.00
C ASN A 180 5.71 4.14 1.11
N GLN A 181 5.99 3.24 2.04
CA GLN A 181 5.08 3.05 3.16
C GLN A 181 5.02 4.29 4.06
N LEU A 182 6.12 5.03 4.19
CA LEU A 182 6.05 6.24 5.00
C LEU A 182 5.08 7.25 4.37
N GLY A 183 5.09 7.36 3.05
CA GLY A 183 4.12 8.20 2.38
C GLY A 183 2.69 7.73 2.62
N ILE A 184 2.50 6.41 2.58
CA ILE A 184 1.17 5.84 2.80
C ILE A 184 0.67 6.18 4.21
N VAL A 185 1.49 5.98 5.24
CA VAL A 185 0.99 6.19 6.60
C VAL A 185 0.83 7.68 6.91
N VAL A 186 1.66 8.51 6.29
CA VAL A 186 1.47 9.96 6.42
C VAL A 186 0.17 10.37 5.74
N GLY A 187 -0.13 9.75 4.60
CA GLY A 187 -1.41 9.97 3.93
C GLY A 187 -2.61 9.60 4.80
N ILE A 188 -2.55 8.44 5.45
CA ILE A 188 -3.61 8.02 6.37
C ILE A 188 -3.79 9.03 7.52
N LEU A 189 -2.68 9.43 8.11
CA LEU A 189 -2.73 10.33 9.26
C LEU A 189 -3.28 11.71 8.87
N VAL A 190 -2.85 12.23 7.74
CA VAL A 190 -3.37 13.52 7.29
C VAL A 190 -4.86 13.39 7.01
N ALA A 191 -5.29 12.27 6.42
CA ALA A 191 -6.71 12.05 6.19
C ALA A 191 -7.51 12.04 7.50
N GLN A 192 -6.95 11.41 8.53
CA GLN A 192 -7.60 11.36 9.84
C GLN A 192 -7.72 12.75 10.44
N ILE A 193 -6.63 13.52 10.37
CA ILE A 193 -6.60 14.85 10.95
C ILE A 193 -7.55 15.78 10.20
N PHE A 194 -7.51 15.76 8.87
CA PHE A 194 -8.46 16.55 8.09
C PHE A 194 -9.90 16.15 8.40
N GLY A 195 -10.12 14.85 8.61
CA GLY A 195 -11.45 14.31 8.86
C GLY A 195 -12.16 14.89 10.06
N LEU A 196 -11.39 15.46 10.98
CA LEU A 196 -11.98 16.14 12.13
C LEU A 196 -13.02 17.20 11.74
N GLU A 197 -14.07 17.28 12.54
CA GLU A 197 -15.24 18.11 12.27
C GLU A 197 -14.91 19.59 12.05
N PHE A 198 -13.93 20.10 12.80
CA PHE A 198 -13.59 21.52 12.71
C PHE A 198 -12.49 21.75 11.67
N ILE A 199 -12.25 20.74 10.84
CA ILE A 199 -11.29 20.89 9.75
C ILE A 199 -12.05 20.81 8.42
N LEU A 200 -12.26 19.59 7.92
CA LEU A 200 -12.95 19.39 6.64
C LEU A 200 -14.04 18.34 6.78
N GLY A 201 -14.17 17.77 7.97
CA GLY A 201 -15.14 16.72 8.21
C GLY A 201 -16.44 17.25 8.80
N SER A 202 -17.02 18.24 8.12
CA SER A 202 -18.32 18.80 8.51
C SER A 202 -19.35 18.48 7.44
N GLU A 203 -20.63 18.61 7.79
CA GLU A 203 -21.70 18.30 6.84
C GLU A 203 -21.61 19.23 5.62
N GLU A 204 -20.97 20.37 5.81
CA GLU A 204 -20.76 21.27 4.70
C GLU A 204 -19.68 20.72 3.80
N LEU A 205 -18.46 20.69 4.31
CA LEU A 205 -17.28 20.62 3.45
C LEU A 205 -16.70 19.24 3.19
N TRP A 206 -17.41 18.17 3.55
CA TRP A 206 -16.87 16.84 3.30
C TRP A 206 -16.52 16.55 1.83
N PRO A 207 -17.23 17.15 0.84
CA PRO A 207 -16.74 16.89 -0.53
C PRO A 207 -15.32 17.42 -0.77
N LEU A 208 -14.91 18.45 -0.04
CA LEU A 208 -13.55 18.98 -0.18
C LEU A 208 -12.53 18.04 0.46
N LEU A 209 -12.96 17.35 1.51
CA LEU A 209 -12.16 16.30 2.13
C LEU A 209 -11.79 15.25 1.08
N LEU A 210 -12.76 14.87 0.26
CA LEU A 210 -12.51 13.90 -0.80
C LEU A 210 -11.80 14.51 -2.01
N GLY A 211 -12.21 15.72 -2.40
CA GLY A 211 -11.59 16.39 -3.53
C GLY A 211 -10.14 16.78 -3.31
N PHE A 212 -9.70 16.79 -2.05
CA PHE A 212 -8.33 17.16 -1.72
C PHE A 212 -7.29 16.38 -2.52
N THR A 213 -7.62 15.14 -2.89
CA THR A 213 -6.68 14.29 -3.63
C THR A 213 -6.22 14.93 -4.97
N ILE A 214 -6.98 15.88 -5.52
N ILE A 214 -6.94 15.90 -5.47
CA ILE A 214 -6.50 16.57 -6.73
CA ILE A 214 -6.53 16.60 -6.66
C ILE A 214 -5.24 17.40 -6.45
C ILE A 214 -5.23 17.39 -6.42
N LEU A 215 -5.07 17.89 -5.22
CA LEU A 215 -3.94 18.79 -4.94
C LEU A 215 -2.56 18.10 -4.97
N PRO A 216 -2.38 16.96 -4.28
CA PRO A 216 -1.10 16.25 -4.48
C PRO A 216 -0.89 15.81 -5.93
N ALA A 217 -1.96 15.54 -6.66
CA ALA A 217 -1.85 15.13 -8.06
C ALA A 217 -1.28 16.27 -8.89
N ILE A 218 -1.76 17.48 -8.65
CA ILE A 218 -1.24 18.64 -9.38
C ILE A 218 0.24 18.88 -9.02
N LEU A 219 0.56 18.81 -7.73
CA LEU A 219 1.95 18.98 -7.29
C LEU A 219 2.87 17.93 -7.92
N GLN A 220 2.46 16.67 -7.83
CA GLN A 220 3.29 15.60 -8.37
C GLN A 220 3.48 15.72 -9.87
N SER A 221 2.41 16.09 -10.57
CA SER A 221 2.45 16.23 -12.02
C SER A 221 3.37 17.35 -12.46
N ALA A 222 3.43 18.43 -11.69
CA ALA A 222 4.34 19.54 -12.00
C ALA A 222 5.81 19.16 -11.76
N ALA A 223 6.04 18.28 -10.79
CA ALA A 223 7.41 17.91 -10.42
C ALA A 223 7.98 16.75 -11.23
N LEU A 224 7.11 15.85 -11.69
CA LEU A 224 7.56 14.61 -12.33
C LEU A 224 8.41 14.80 -13.61
N PRO A 225 8.14 15.83 -14.45
CA PRO A 225 9.02 15.98 -15.62
C PRO A 225 10.49 16.12 -15.27
N PHE A 226 10.75 16.70 -14.09
CA PHE A 226 12.11 16.97 -13.65
C PHE A 226 12.73 15.79 -12.92
N CYS A 227 11.96 14.72 -12.76
CA CYS A 227 12.46 13.46 -12.22
C CYS A 227 12.98 12.60 -13.36
N PRO A 228 14.06 11.84 -13.12
CA PRO A 228 14.56 11.04 -14.23
C PRO A 228 13.68 9.83 -14.51
N GLU A 229 13.67 9.37 -15.75
CA GLU A 229 13.12 8.05 -16.03
C GLU A 229 14.03 7.03 -15.35
N SER A 230 13.47 5.88 -14.99
CA SER A 230 14.30 4.80 -14.44
C SER A 230 15.49 4.49 -15.34
N PRO A 231 16.72 4.57 -14.80
CA PRO A 231 17.90 4.27 -15.63
C PRO A 231 17.93 2.79 -16.03
N ARG A 232 17.34 1.94 -15.20
CA ARG A 232 17.21 0.53 -15.54
C ARG A 232 16.28 0.34 -16.73
N PHE A 233 15.15 1.05 -16.74
CA PHE A 233 14.29 1.02 -17.91
C PHE A 233 15.03 1.55 -19.15
N LEU A 234 15.78 2.64 -18.98
CA LEU A 234 16.48 3.22 -20.12
C LEU A 234 17.55 2.27 -20.68
N LEU A 235 18.39 1.71 -19.82
CA LEU A 235 19.47 0.85 -20.30
C LEU A 235 18.94 -0.51 -20.74
N ILE A 236 18.12 -1.14 -19.91
CA ILE A 236 17.75 -2.52 -20.17
C ILE A 236 16.60 -2.65 -21.16
N ASN A 237 15.52 -1.90 -20.95
CA ASN A 237 14.38 -1.95 -21.87
C ASN A 237 14.62 -1.20 -23.17
N ARG A 238 15.33 -0.12 -23.13
CA ARG A 238 15.48 0.72 -24.29
C ARG A 238 16.87 0.75 -24.87
N LYS A 239 17.79 0.07 -24.23
CA LYS A 239 19.19 -0.07 -24.69
C LYS A 239 19.91 1.28 -24.81
N GLU A 240 19.55 2.23 -23.95
CA GLU A 240 20.19 3.54 -23.89
C GLU A 240 21.20 3.57 -22.75
N GLU A 241 22.34 2.93 -22.95
CA GLU A 241 23.35 2.80 -21.92
C GLU A 241 23.92 4.15 -21.50
N GLU A 242 24.21 5.01 -22.48
CA GLU A 242 24.80 6.31 -22.22
C GLU A 242 23.89 7.18 -21.36
N ASN A 243 22.62 7.26 -21.73
CA ASN A 243 21.68 8.09 -20.98
C ASN A 243 21.48 7.55 -19.56
N ALA A 244 21.39 6.24 -19.44
CA ALA A 244 21.25 5.62 -18.12
C ALA A 244 22.46 5.95 -17.24
N LYS A 245 23.66 5.87 -17.82
CA LYS A 245 24.86 6.13 -17.04
C LYS A 245 24.87 7.55 -16.50
N GLN A 246 24.54 8.52 -17.35
CA GLN A 246 24.50 9.91 -16.93
C GLN A 246 23.47 10.16 -15.81
N ILE A 247 22.29 9.54 -15.92
CA ILE A 247 21.29 9.60 -14.85
C ILE A 247 21.87 9.13 -13.52
N LEU A 248 22.50 7.95 -13.52
CA LEU A 248 23.06 7.39 -12.31
C LEU A 248 24.14 8.30 -11.73
N GLN A 249 24.98 8.83 -12.60
CA GLN A 249 26.07 9.67 -12.14
C GLN A 249 25.53 10.90 -11.42
N ARG A 250 24.49 11.52 -11.96
CA ARG A 250 23.87 12.65 -11.28
C ARG A 250 23.13 12.26 -10.00
N LEU A 251 22.27 11.23 -10.08
CA LEU A 251 21.47 10.80 -8.94
C LEU A 251 22.32 10.37 -7.75
N TRP A 252 23.42 9.70 -8.04
CA TRP A 252 24.21 9.11 -6.98
C TRP A 252 25.48 9.93 -6.68
N GLY A 253 25.63 11.05 -7.37
CA GLY A 253 26.69 12.01 -7.07
C GLY A 253 28.10 11.48 -7.26
N THR A 254 28.30 10.65 -8.27
CA THR A 254 29.62 10.10 -8.54
C THR A 254 29.77 9.72 -10.00
N GLN A 255 30.99 9.89 -10.50
CA GLN A 255 31.32 9.54 -11.87
C GLN A 255 31.44 8.03 -12.03
N ASP A 256 31.77 7.36 -10.95
CA ASP A 256 32.10 5.94 -11.01
C ASP A 256 30.88 5.07 -10.70
N VAL A 257 30.23 4.58 -11.76
CA VAL A 257 29.06 3.72 -11.59
C VAL A 257 29.17 2.43 -12.42
N SER A 258 30.39 2.04 -12.76
CA SER A 258 30.63 0.86 -13.59
C SER A 258 30.03 -0.42 -13.02
N GLN A 259 30.12 -0.62 -11.74
CA GLN A 259 29.59 -1.82 -11.12
C GLN A 259 28.11 -1.95 -11.39
N ASP A 260 27.38 -0.85 -11.27
CA ASP A 260 25.94 -0.90 -11.48
C ASP A 260 25.59 -0.98 -12.95
N ILE A 261 26.32 -0.27 -13.82
CA ILE A 261 26.05 -0.38 -15.24
C ILE A 261 26.31 -1.80 -15.75
N GLN A 262 27.38 -2.44 -15.28
CA GLN A 262 27.65 -3.80 -15.73
C GLN A 262 26.60 -4.77 -15.20
N GLU A 263 26.07 -4.53 -14.00
CA GLU A 263 24.98 -5.34 -13.46
C GLU A 263 23.75 -5.19 -14.36
N MET A 264 23.48 -3.96 -14.80
CA MET A 264 22.34 -3.72 -15.68
C MET A 264 22.56 -4.34 -17.07
N LYS A 265 23.80 -4.34 -17.54
CA LYS A 265 24.11 -4.96 -18.83
C LYS A 265 23.92 -6.47 -18.73
N ASP A 266 24.27 -7.05 -17.57
CA ASP A 266 23.99 -8.47 -17.33
C ASP A 266 22.48 -8.73 -17.40
N GLU A 267 21.70 -7.86 -16.77
CA GLU A 267 20.25 -8.00 -16.81
C GLU A 267 19.70 -7.78 -18.21
N SER A 268 20.33 -6.91 -18.98
CA SER A 268 19.93 -6.70 -20.37
C SER A 268 20.17 -7.95 -21.19
N ALA A 269 21.32 -8.60 -20.98
CA ALA A 269 21.59 -9.86 -21.67
C ALA A 269 20.54 -10.90 -21.27
N ARG A 270 20.22 -10.96 -19.98
CA ARG A 270 19.20 -11.88 -19.49
C ARG A 270 17.84 -11.62 -20.13
N MET A 271 17.42 -10.36 -20.17
CA MET A 271 16.10 -10.07 -20.71
C MET A 271 16.03 -10.40 -22.20
N SER A 272 17.13 -10.19 -22.91
CA SER A 272 17.19 -10.51 -24.34
C SER A 272 17.16 -12.02 -24.56
N GLN A 273 17.58 -12.80 -23.57
CA GLN A 273 17.67 -14.24 -23.68
C GLN A 273 16.44 -14.98 -23.13
N GLU A 274 15.57 -14.26 -22.44
CA GLU A 274 14.36 -14.87 -21.88
C GLU A 274 13.16 -14.43 -22.71
N LYS A 275 12.20 -15.33 -22.86
CA LYS A 275 10.98 -15.03 -23.60
C LYS A 275 10.25 -13.86 -22.94
N GLN A 276 9.48 -13.10 -23.71
CA GLN A 276 8.68 -12.02 -23.15
C GLN A 276 7.80 -12.56 -22.03
N VAL A 277 7.82 -11.90 -20.88
CA VAL A 277 7.16 -12.42 -19.69
C VAL A 277 5.66 -12.12 -19.68
N THR A 278 4.86 -13.13 -19.38
CA THR A 278 3.42 -12.96 -19.19
C THR A 278 3.06 -13.33 -17.76
N VAL A 279 1.90 -12.87 -17.30
CA VAL A 279 1.45 -13.17 -15.95
C VAL A 279 1.40 -14.69 -15.71
N LEU A 280 0.85 -15.43 -16.66
CA LEU A 280 0.67 -16.87 -16.51
C LEU A 280 2.02 -17.60 -16.45
N GLU A 281 3.01 -17.07 -17.16
CA GLU A 281 4.34 -17.68 -17.20
C GLU A 281 5.00 -17.66 -15.83
N LEU A 282 4.68 -16.66 -15.02
CA LEU A 282 5.24 -16.56 -13.68
C LEU A 282 4.99 -17.80 -12.85
N PHE A 283 3.90 -18.50 -13.12
CA PHE A 283 3.51 -19.67 -12.34
C PHE A 283 3.96 -20.97 -13.00
N ARG A 284 4.43 -20.89 -14.23
CA ARG A 284 4.80 -22.08 -15.00
C ARG A 284 6.30 -22.41 -14.92
N VAL A 285 7.10 -21.39 -14.64
CA VAL A 285 8.56 -21.48 -14.63
C VAL A 285 9.08 -21.54 -13.21
N SER A 286 9.87 -22.55 -12.86
CA SER A 286 10.31 -22.73 -11.47
C SER A 286 11.07 -21.51 -10.94
N SER A 287 11.93 -20.92 -11.76
CA SER A 287 12.70 -19.75 -11.36
C SER A 287 11.80 -18.51 -11.16
N TYR A 288 10.63 -18.50 -11.78
CA TYR A 288 9.67 -17.41 -11.55
C TYR A 288 8.67 -17.79 -10.45
N ARG A 289 8.36 -19.08 -10.35
CA ARG A 289 7.26 -19.48 -9.46
C ARG A 289 7.66 -19.31 -8.02
N GLN A 290 8.93 -19.58 -7.69
CA GLN A 290 9.38 -19.40 -6.32
C GLN A 290 9.24 -17.94 -5.87
N PRO A 291 9.79 -16.98 -6.64
CA PRO A 291 9.63 -15.61 -6.15
C PRO A 291 8.19 -15.10 -6.27
N ILE A 292 7.37 -15.58 -7.20
CA ILE A 292 6.00 -15.05 -7.26
C ILE A 292 5.14 -15.62 -6.13
N ILE A 293 5.40 -16.85 -5.69
CA ILE A 293 4.66 -17.39 -4.56
C ILE A 293 5.08 -16.67 -3.29
N ILE A 294 6.38 -16.47 -3.13
CA ILE A 294 6.88 -15.65 -2.01
C ILE A 294 6.23 -14.26 -2.03
N SER A 295 6.22 -13.64 -3.21
CA SER A 295 5.63 -12.30 -3.34
C SER A 295 4.17 -12.26 -2.94
N ILE A 296 3.38 -13.19 -3.49
CA ILE A 296 1.96 -13.24 -3.18
C ILE A 296 1.72 -13.54 -1.69
N VAL A 297 2.43 -14.52 -1.14
CA VAL A 297 2.23 -14.88 0.27
C VAL A 297 2.59 -13.72 1.18
N LEU A 298 3.61 -12.95 0.82
CA LEU A 298 3.95 -11.78 1.61
C LEU A 298 2.83 -10.72 1.56
N GLN A 299 2.17 -10.55 0.42
CA GLN A 299 1.02 -9.63 0.38
C GLN A 299 -0.11 -10.15 1.25
N LEU A 300 -0.33 -11.46 1.20
CA LEU A 300 -1.37 -12.05 2.04
C LEU A 300 -1.05 -11.86 3.51
N SER A 301 0.23 -11.95 3.87
CA SER A 301 0.62 -11.82 5.27
C SER A 301 0.36 -10.39 5.74
N GLN A 302 0.43 -9.43 4.82
CA GLN A 302 0.12 -8.05 5.15
C GLN A 302 -1.38 -7.84 5.37
N GLN A 303 -2.21 -8.35 4.46
CA GLN A 303 -3.65 -8.07 4.52
C GLN A 303 -4.42 -9.02 5.45
N LEU A 304 -4.04 -10.30 5.44
CA LEU A 304 -4.68 -11.29 6.31
C LEU A 304 -4.14 -11.22 7.74
N SER A 305 -3.27 -10.25 8.01
CA SER A 305 -2.99 -9.84 9.38
C SER A 305 -4.23 -9.25 10.02
N GLY A 306 -5.14 -8.77 9.18
CA GLY A 306 -6.33 -8.07 9.61
C GLY A 306 -6.14 -6.57 9.82
N ILE A 307 -5.00 -6.04 9.39
CA ILE A 307 -4.67 -4.64 9.66
C ILE A 307 -5.79 -3.66 9.29
N ASN A 308 -6.42 -3.79 8.13
CA ASN A 308 -7.43 -2.78 7.77
C ASN A 308 -8.76 -3.02 8.47
N ALA A 309 -9.02 -4.26 8.86
CA ALA A 309 -10.20 -4.55 9.70
C ALA A 309 -9.99 -3.98 11.09
N VAL A 310 -8.80 -4.22 11.66
CA VAL A 310 -8.45 -3.66 12.96
C VAL A 310 -8.51 -2.13 12.90
N PHE A 311 -7.94 -1.53 11.89
CA PHE A 311 -7.95 -0.09 11.80
C PHE A 311 -9.34 0.47 11.60
N TYR A 312 -10.09 -0.07 10.68
CA TYR A 312 -11.43 0.45 10.43
C TYR A 312 -12.35 0.30 11.64
N TYR A 313 -12.34 -0.89 12.22
CA TYR A 313 -13.25 -1.18 13.33
C TYR A 313 -12.68 -0.73 14.68
N SER A 314 -11.48 -0.16 14.69
CA SER A 314 -10.85 0.29 15.94
C SER A 314 -11.70 1.29 16.70
N THR A 315 -12.33 2.21 15.97
CA THR A 315 -13.15 3.22 16.62
C THR A 315 -14.21 2.57 17.48
N GLY A 316 -14.89 1.56 16.92
CA GLY A 316 -15.93 0.86 17.63
C GLY A 316 -15.41 -0.01 18.75
N ILE A 317 -14.25 -0.64 18.54
CA ILE A 317 -13.66 -1.47 19.58
C ILE A 317 -13.19 -0.61 20.75
N PHE A 318 -12.52 0.51 20.44
CA PHE A 318 -12.11 1.47 21.45
C PHE A 318 -13.33 1.92 22.26
N LYS A 319 -14.42 2.26 21.55
CA LYS A 319 -15.66 2.70 22.18
C LYS A 319 -16.17 1.63 23.12
N ASP A 320 -16.25 0.39 22.63
CA ASP A 320 -16.77 -0.69 23.45
C ASP A 320 -15.90 -0.97 24.68
N ALA A 321 -14.60 -0.72 24.58
CA ALA A 321 -13.71 -0.90 25.73
C ALA A 321 -13.78 0.29 26.68
N GLY A 322 -14.49 1.34 26.28
CA GLY A 322 -14.74 2.47 27.18
C GLY A 322 -13.98 3.75 26.91
N VAL A 323 -13.30 3.83 25.76
CA VAL A 323 -12.71 5.11 25.37
C VAL A 323 -13.85 6.10 25.14
N GLN A 324 -13.84 7.22 25.85
CA GLN A 324 -14.96 8.15 25.83
C GLN A 324 -14.98 8.98 24.55
N GLU A 325 -13.80 9.24 24.01
CA GLU A 325 -13.61 9.98 22.78
C GLU A 325 -12.78 9.16 21.81
N PRO A 326 -13.39 8.13 21.18
CA PRO A 326 -12.64 7.11 20.43
C PRO A 326 -11.83 7.66 19.27
N ILE A 327 -12.30 8.77 18.66
CA ILE A 327 -11.60 9.33 17.52
C ILE A 327 -10.16 9.68 17.87
N TYR A 328 -9.92 10.12 19.10
CA TYR A 328 -8.58 10.47 19.53
C TYR A 328 -7.67 9.24 19.69
N ALA A 329 -8.26 8.12 20.09
CA ALA A 329 -7.52 6.86 20.16
C ALA A 329 -7.17 6.38 18.75
N THR A 330 -8.08 6.59 17.79
CA THR A 330 -7.83 6.13 16.42
C THR A 330 -6.78 7.03 15.74
N ILE A 331 -6.80 8.33 16.05
CA ILE A 331 -5.73 9.20 15.57
C ILE A 331 -4.42 8.84 16.26
N GLY A 332 -4.48 8.48 17.54
CA GLY A 332 -3.32 7.96 18.23
C GLY A 332 -2.73 6.76 17.50
N ALA A 333 -3.60 5.87 17.02
CA ALA A 333 -3.15 4.71 16.27
C ALA A 333 -2.47 5.14 14.96
N GLY A 334 -3.02 6.19 14.34
CA GLY A 334 -2.42 6.75 13.13
C GLY A 334 -1.04 7.33 13.38
N VAL A 335 -0.84 7.91 14.56
CA VAL A 335 0.46 8.42 14.96
C VAL A 335 1.46 7.29 15.23
N VAL A 336 1.05 6.27 15.99
CA VAL A 336 1.87 5.07 16.20
C VAL A 336 2.24 4.45 14.84
N ASN A 337 1.25 4.41 13.93
CA ASN A 337 1.41 3.90 12.57
C ASN A 337 2.56 4.60 11.84
N THR A 338 2.68 5.90 12.07
CA THR A 338 3.72 6.68 11.42
C THR A 338 5.08 6.49 12.10
N ILE A 339 5.09 6.59 13.43
CA ILE A 339 6.31 6.46 14.20
C ILE A 339 7.05 5.16 13.88
N PHE A 340 6.33 4.05 13.85
CA PHE A 340 7.02 2.79 13.69
C PHE A 340 7.37 2.47 12.25
N THR A 341 6.80 3.21 11.30
CA THR A 341 7.28 3.11 9.93
C THR A 341 8.67 3.77 9.84
N VAL A 342 8.87 4.84 10.59
CA VAL A 342 10.17 5.49 10.64
C VAL A 342 11.19 4.59 11.35
N VAL A 343 10.76 3.89 12.41
CA VAL A 343 11.62 2.90 13.05
C VAL A 343 12.08 1.85 12.04
N SER A 344 11.15 1.32 11.26
CA SER A 344 11.46 0.32 10.23
C SER A 344 12.48 0.86 9.22
N LEU A 345 12.28 2.10 8.79
CA LEU A 345 13.17 2.77 7.86
C LEU A 345 14.62 2.72 8.32
N PHE A 346 14.84 2.95 9.61
CA PHE A 346 16.19 3.00 10.14
C PHE A 346 16.76 1.62 10.47
N LEU A 347 15.92 0.59 10.45
CA LEU A 347 16.38 -0.75 10.80
C LEU A 347 16.48 -1.72 9.63
N VAL A 348 15.80 -1.44 8.52
CA VAL A 348 15.64 -2.46 7.49
C VAL A 348 16.95 -2.84 6.76
N GLU A 349 17.91 -1.93 6.70
CA GLU A 349 19.21 -2.29 6.09
C GLU A 349 20.13 -2.94 7.09
N ARG A 350 19.80 -2.84 8.37
CA ARG A 350 20.65 -3.42 9.42
C ARG A 350 20.13 -4.79 9.85
N ALA A 351 18.85 -4.85 10.15
CA ALA A 351 18.23 -6.10 10.60
C ALA A 351 17.90 -7.01 9.41
N GLY A 352 17.67 -6.40 8.26
CA GLY A 352 17.25 -7.13 7.08
C GLY A 352 15.75 -7.28 6.98
N ARG A 353 15.28 -7.65 5.80
CA ARG A 353 13.85 -7.81 5.55
C ARG A 353 13.26 -9.01 6.29
N ARG A 354 13.97 -10.14 6.31
CA ARG A 354 13.48 -11.34 6.99
C ARG A 354 13.16 -11.07 8.45
N THR A 355 14.14 -10.50 9.15
CA THR A 355 14.03 -10.28 10.58
C THR A 355 12.89 -9.33 10.93
N LEU A 356 12.79 -8.20 10.24
CA LEU A 356 11.72 -7.24 10.53
C LEU A 356 10.35 -7.80 10.19
N HIS A 357 10.24 -8.54 9.09
CA HIS A 357 8.95 -9.08 8.71
C HIS A 357 8.50 -10.10 9.76
N MET A 358 9.42 -10.96 10.20
CA MET A 358 9.07 -11.96 11.21
C MET A 358 8.73 -11.34 12.57
N ILE A 359 9.50 -10.35 12.99
CA ILE A 359 9.20 -9.68 14.25
C ILE A 359 7.80 -9.06 14.20
N GLY A 360 7.48 -8.42 13.08
CA GLY A 360 6.15 -7.82 12.94
C GLY A 360 5.04 -8.86 12.97
N LEU A 361 5.21 -9.95 12.24
CA LEU A 361 4.18 -11.00 12.20
C LEU A 361 3.98 -11.64 13.58
N GLY A 362 5.09 -11.94 14.25
CA GLY A 362 5.02 -12.55 15.57
C GLY A 362 4.39 -11.63 16.60
N GLY A 363 4.81 -10.36 16.60
CA GLY A 363 4.26 -9.35 17.49
C GLY A 363 2.78 -9.11 17.27
N MET A 364 2.39 -9.07 15.99
CA MET A 364 0.97 -8.96 15.68
C MET A 364 0.18 -10.17 16.16
N ALA A 365 0.77 -11.37 16.05
CA ALA A 365 0.10 -12.58 16.49
C ALA A 365 -0.14 -12.52 18.00
N PHE A 366 0.85 -12.02 18.74
CA PHE A 366 0.66 -11.82 20.18
C PHE A 366 -0.47 -10.85 20.47
N CYS A 367 -0.48 -9.71 19.77
CA CYS A 367 -1.47 -8.68 20.05
C CYS A 367 -2.88 -9.05 19.60
N SER A 368 -3.01 -9.74 18.47
CA SER A 368 -4.35 -10.16 18.03
C SER A 368 -4.91 -11.20 18.99
N THR A 369 -4.06 -12.09 19.50
CA THR A 369 -4.49 -13.04 20.52
C THR A 369 -4.92 -12.29 21.78
N LEU A 370 -4.16 -11.27 22.15
CA LEU A 370 -4.48 -10.48 23.34
C LEU A 370 -5.78 -9.69 23.15
N MET A 371 -6.09 -9.29 21.92
CA MET A 371 -7.38 -8.65 21.64
C MET A 371 -8.54 -9.60 21.95
N THR A 372 -8.42 -10.83 21.47
CA THR A 372 -9.43 -11.85 21.75
C THR A 372 -9.57 -12.08 23.25
N VAL A 373 -8.44 -12.29 23.93
CA VAL A 373 -8.48 -12.59 25.36
C VAL A 373 -9.07 -11.44 26.17
N SER A 374 -8.63 -10.22 25.88
CA SER A 374 -9.11 -9.06 26.64
C SER A 374 -10.58 -8.83 26.38
N LEU A 375 -11.03 -9.01 25.15
CA LEU A 375 -12.45 -8.81 24.85
C LEU A 375 -13.33 -9.86 25.50
N LEU A 376 -12.82 -11.08 25.62
CA LEU A 376 -13.55 -12.16 26.28
C LEU A 376 -13.66 -11.95 27.78
N LEU A 377 -12.69 -11.23 28.35
CA LEU A 377 -12.61 -11.08 29.81
C LEU A 377 -13.10 -9.75 30.34
N LYS A 378 -13.20 -8.73 29.49
CA LYS A 378 -13.38 -7.36 29.98
C LYS A 378 -14.71 -7.09 30.67
N ASP A 379 -15.75 -7.85 30.35
CA ASP A 379 -17.05 -7.64 31.01
C ASP A 379 -17.06 -8.22 32.42
N ASN A 380 -16.11 -9.11 32.69
CA ASN A 380 -15.98 -9.71 34.02
C ASN A 380 -14.87 -9.02 34.81
N TYR A 381 -13.80 -8.66 34.10
CA TYR A 381 -12.66 -8.01 34.71
C TYR A 381 -12.35 -6.73 33.94
N ASN A 382 -12.85 -5.61 34.46
CA ASN A 382 -12.81 -4.36 33.69
C ASN A 382 -11.41 -3.89 33.33
N GLY A 383 -10.41 -4.26 34.14
CA GLY A 383 -9.03 -3.90 33.83
C GLY A 383 -8.60 -4.37 32.45
N MET A 384 -9.21 -5.44 31.97
CA MET A 384 -8.86 -5.98 30.66
C MET A 384 -9.33 -5.07 29.53
N SER A 385 -10.22 -4.13 29.83
CA SER A 385 -10.61 -3.12 28.85
C SER A 385 -9.39 -2.33 28.37
N PHE A 386 -8.50 -2.00 29.31
CA PHE A 386 -7.34 -1.20 28.99
C PHE A 386 -6.29 -2.02 28.26
N VAL A 387 -6.25 -3.31 28.56
CA VAL A 387 -5.38 -4.23 27.84
C VAL A 387 -5.78 -4.27 26.38
N CYS A 388 -7.08 -4.29 26.12
CA CYS A 388 -7.61 -4.29 24.76
C CYS A 388 -7.17 -3.05 23.98
N ILE A 389 -7.37 -1.88 24.59
CA ILE A 389 -6.94 -0.62 24.00
C ILE A 389 -5.44 -0.62 23.67
N GLY A 390 -4.62 -1.06 24.62
CA GLY A 390 -3.20 -1.16 24.38
C GLY A 390 -2.82 -2.17 23.31
N ALA A 391 -3.53 -3.29 23.25
CA ALA A 391 -3.21 -4.35 22.28
C ALA A 391 -3.39 -3.85 20.85
N ILE A 392 -4.39 -3.02 20.61
CA ILE A 392 -4.62 -2.47 19.27
C ILE A 392 -3.48 -1.55 18.87
N LEU A 393 -3.05 -0.70 19.79
CA LEU A 393 -1.97 0.23 19.49
C LEU A 393 -0.66 -0.50 19.26
N VAL A 394 -0.39 -1.54 20.03
CA VAL A 394 0.85 -2.28 19.85
C VAL A 394 0.79 -3.14 18.59
N PHE A 395 -0.40 -3.63 18.25
CA PHE A 395 -0.61 -4.35 16.98
C PHE A 395 -0.17 -3.51 15.79
N VAL A 396 -0.59 -2.25 15.77
CA VAL A 396 -0.23 -1.33 14.70
C VAL A 396 1.28 -1.08 14.67
N ALA A 397 1.90 -0.95 15.85
CA ALA A 397 3.36 -0.78 15.93
C ALA A 397 4.09 -1.95 15.29
N PHE A 398 3.70 -3.17 15.63
CA PHE A 398 4.36 -4.34 15.06
C PHE A 398 4.10 -4.45 13.57
N PHE A 399 2.89 -4.06 13.13
CA PHE A 399 2.59 -4.08 11.72
C PHE A 399 3.62 -3.26 10.94
N GLU A 400 3.93 -2.07 11.43
CA GLU A 400 4.79 -1.19 10.64
C GLU A 400 6.28 -1.52 10.77
N ILE A 401 6.66 -2.35 11.73
CA ILE A 401 8.06 -2.76 11.85
C ILE A 401 8.50 -3.50 10.59
N GLY A 402 7.58 -4.22 9.95
CA GLY A 402 7.94 -5.01 8.78
C GLY A 402 6.79 -5.27 7.81
N PRO A 403 5.71 -5.90 8.28
CA PRO A 403 4.63 -6.29 7.37
C PRO A 403 3.96 -5.14 6.61
N GLY A 404 4.01 -3.92 7.14
CA GLY A 404 3.57 -2.77 6.37
C GLY A 404 4.49 -2.46 5.21
N PRO A 405 5.73 -2.08 5.49
CA PRO A 405 6.58 -1.58 4.40
C PRO A 405 7.13 -2.65 3.44
N ILE A 406 7.49 -3.80 3.98
CA ILE A 406 8.34 -4.71 3.22
C ILE A 406 7.62 -5.39 2.03
N PRO A 407 6.37 -5.87 2.22
CA PRO A 407 5.74 -6.53 1.07
C PRO A 407 5.60 -5.66 -0.16
N TRP A 408 5.39 -4.35 -0.01
CA TRP A 408 5.29 -3.51 -1.18
C TRP A 408 6.58 -3.41 -1.99
N PHE A 409 7.72 -3.25 -1.33
CA PHE A 409 8.95 -3.07 -2.12
C PHE A 409 9.70 -4.36 -2.38
N ILE A 410 9.49 -5.39 -1.56
CA ILE A 410 10.32 -6.60 -1.72
C ILE A 410 10.04 -7.30 -3.04
N VAL A 411 8.85 -7.13 -3.60
CA VAL A 411 8.56 -7.78 -4.88
C VAL A 411 9.48 -7.24 -5.97
N ALA A 412 9.78 -5.94 -5.94
CA ALA A 412 10.76 -5.39 -6.89
C ALA A 412 12.12 -6.06 -6.74
N GLU A 413 12.49 -6.39 -5.50
CA GLU A 413 13.80 -6.97 -5.22
C GLU A 413 13.92 -8.42 -5.67
N LEU A 414 12.80 -9.13 -5.70
CA LEU A 414 12.81 -10.58 -5.95
C LEU A 414 12.86 -10.94 -7.43
N PHE A 415 12.79 -9.93 -8.29
CA PHE A 415 12.76 -10.15 -9.74
C PHE A 415 13.76 -9.29 -10.49
N SER A 416 14.27 -9.84 -11.60
CA SER A 416 15.08 -9.07 -12.53
C SER A 416 14.18 -8.18 -13.39
N GLN A 417 14.80 -7.40 -14.27
CA GLN A 417 14.08 -6.36 -15.01
C GLN A 417 12.91 -6.90 -15.84
N GLY A 418 13.10 -8.04 -16.49
CA GLY A 418 12.09 -8.56 -17.39
C GLY A 418 10.77 -8.94 -16.75
N PRO A 419 10.82 -9.82 -15.73
CA PRO A 419 9.56 -10.23 -15.10
C PRO A 419 9.01 -9.24 -14.07
N ARG A 420 9.80 -8.25 -13.66
CA ARG A 420 9.37 -7.41 -12.52
C ARG A 420 8.00 -6.73 -12.72
N PRO A 421 7.73 -6.12 -13.88
CA PRO A 421 6.39 -5.49 -13.99
C PRO A 421 5.23 -6.47 -13.87
N ALA A 422 5.30 -7.62 -14.54
CA ALA A 422 4.22 -8.60 -14.44
C ALA A 422 4.09 -9.13 -13.01
N ALA A 423 5.23 -9.31 -12.34
CA ALA A 423 5.21 -9.79 -10.96
C ALA A 423 4.57 -8.78 -10.01
N MET A 424 4.91 -7.51 -10.18
CA MET A 424 4.35 -6.49 -9.30
C MET A 424 2.86 -6.29 -9.59
N ALA A 425 2.45 -6.54 -10.83
CA ALA A 425 1.04 -6.50 -11.19
C ALA A 425 0.26 -7.61 -10.45
N VAL A 426 0.80 -8.82 -10.50
CA VAL A 426 0.20 -9.98 -9.85
C VAL A 426 0.20 -9.84 -8.34
N ALA A 427 1.34 -9.47 -7.78
CA ALA A 427 1.46 -9.34 -6.33
C ALA A 427 0.59 -8.20 -5.81
N GLY A 428 0.63 -7.06 -6.49
CA GLY A 428 -0.20 -5.93 -6.11
C GLY A 428 -1.67 -6.27 -6.18
N CYS A 429 -2.06 -6.96 -7.25
CA CYS A 429 -3.46 -7.36 -7.37
C CYS A 429 -3.86 -8.31 -6.23
N SER A 430 -2.96 -9.24 -5.87
N SER A 430 -2.96 -9.32 -5.81
CA SER A 430 -3.25 -10.17 -4.76
CA SER A 430 -3.25 -10.24 -4.71
C SER A 430 -3.41 -9.41 -3.44
C SER A 430 -3.41 -9.48 -3.38
N ASN A 431 -2.65 -8.32 -3.30
CA ASN A 431 -2.77 -7.48 -2.11
C ASN A 431 -4.16 -6.83 -2.03
N TRP A 432 -4.54 -6.13 -3.09
CA TRP A 432 -5.85 -5.47 -3.14
C TRP A 432 -7.01 -6.47 -3.05
N THR A 433 -6.84 -7.62 -3.70
CA THR A 433 -7.90 -8.64 -3.70
C THR A 433 -8.08 -9.24 -2.31
N SER A 434 -6.97 -9.51 -1.62
CA SER A 434 -7.10 -10.09 -0.29
C SER A 434 -7.68 -9.06 0.69
N ASN A 435 -7.34 -7.77 0.53
CA ASN A 435 -8.02 -6.71 1.26
C ASN A 435 -9.52 -6.73 1.03
N PHE A 436 -9.91 -6.87 -0.23
CA PHE A 436 -11.32 -6.90 -0.59
C PHE A 436 -12.03 -8.06 0.12
N LEU A 437 -11.40 -9.23 0.12
CA LEU A 437 -11.96 -10.41 0.75
C LEU A 437 -12.09 -10.27 2.27
N VAL A 438 -11.09 -9.67 2.90
CA VAL A 438 -11.18 -9.38 4.33
C VAL A 438 -12.36 -8.47 4.65
N GLY A 439 -12.53 -7.41 3.86
CA GLY A 439 -13.66 -6.51 4.06
C GLY A 439 -15.00 -7.20 3.86
N LEU A 440 -15.05 -8.08 2.87
CA LEU A 440 -16.28 -8.78 2.52
C LEU A 440 -16.71 -9.79 3.58
N LEU A 441 -15.74 -10.50 4.13
CA LEU A 441 -15.99 -11.66 5.00
C LEU A 441 -15.89 -11.34 6.48
N PHE A 442 -15.12 -10.33 6.87
CA PHE A 442 -14.94 -10.04 8.30
C PHE A 442 -16.26 -9.78 9.07
N PRO A 443 -17.18 -8.96 8.52
CA PRO A 443 -18.41 -8.73 9.29
C PRO A 443 -19.16 -10.01 9.62
N SER A 444 -19.28 -10.93 8.67
CA SER A 444 -19.97 -12.19 8.92
C SER A 444 -19.19 -13.04 9.91
N ALA A 445 -17.87 -13.08 9.76
CA ALA A 445 -17.04 -13.86 10.66
C ALA A 445 -17.15 -13.31 12.08
N ALA A 446 -17.17 -11.99 12.21
CA ALA A 446 -17.29 -11.37 13.53
C ALA A 446 -18.66 -11.67 14.15
N HIS A 447 -19.67 -11.76 13.30
CA HIS A 447 -21.04 -12.01 13.76
C HIS A 447 -21.17 -13.39 14.41
N TYR A 448 -20.50 -14.38 13.83
CA TYR A 448 -20.57 -15.73 14.35
C TYR A 448 -19.56 -15.99 15.47
N LEU A 449 -18.35 -15.42 15.34
CA LEU A 449 -17.26 -15.77 16.24
C LEU A 449 -17.04 -14.78 17.37
N GLY A 450 -17.62 -13.58 17.26
CA GLY A 450 -17.40 -12.55 18.24
C GLY A 450 -15.92 -12.27 18.43
N ALA A 451 -15.47 -12.19 19.68
CA ALA A 451 -14.07 -11.91 19.99
C ALA A 451 -13.10 -12.92 19.38
N TYR A 452 -13.57 -14.13 19.13
CA TYR A 452 -12.69 -15.16 18.55
C TYR A 452 -12.31 -14.89 17.10
N VAL A 453 -12.97 -13.91 16.48
CA VAL A 453 -12.69 -13.63 15.07
C VAL A 453 -11.21 -13.27 14.90
N PHE A 454 -10.62 -12.65 15.91
CA PHE A 454 -9.23 -12.21 15.74
C PHE A 454 -8.26 -13.39 15.75
N ILE A 455 -8.71 -14.55 16.22
CA ILE A 455 -7.88 -15.75 16.16
C ILE A 455 -7.70 -16.23 14.70
N ILE A 456 -8.64 -15.88 13.81
CA ILE A 456 -8.44 -16.14 12.39
C ILE A 456 -7.19 -15.41 11.89
N PHE A 457 -7.05 -14.14 12.24
CA PHE A 457 -5.86 -13.40 11.86
C PHE A 457 -4.62 -13.97 12.54
N THR A 458 -4.75 -14.35 13.82
CA THR A 458 -3.65 -15.00 14.52
C THR A 458 -3.16 -16.23 13.74
N GLY A 459 -4.11 -17.05 13.28
CA GLY A 459 -3.76 -18.24 12.52
C GLY A 459 -2.99 -17.95 11.24
N PHE A 460 -3.44 -16.93 10.51
CA PHE A 460 -2.74 -16.53 9.29
C PHE A 460 -1.36 -15.99 9.63
N LEU A 461 -1.28 -15.14 10.66
CA LEU A 461 -0.01 -14.55 11.05
C LEU A 461 1.03 -15.61 11.40
N ILE A 462 0.63 -16.60 12.18
CA ILE A 462 1.53 -17.70 12.52
C ILE A 462 1.94 -18.54 11.31
N THR A 463 0.96 -18.85 10.45
CA THR A 463 1.24 -19.61 9.23
C THR A 463 2.26 -18.87 8.37
N PHE A 464 2.08 -17.56 8.22
CA PHE A 464 3.00 -16.79 7.40
C PHE A 464 4.34 -16.48 8.08
N LEU A 465 4.35 -16.49 9.41
CA LEU A 465 5.60 -16.39 10.16
C LEU A 465 6.47 -17.60 9.83
N ALA A 466 5.85 -18.79 9.87
CA ALA A 466 6.56 -20.02 9.53
C ALA A 466 7.04 -19.98 8.07
N PHE A 467 6.16 -19.56 7.16
CA PHE A 467 6.52 -19.44 5.76
C PHE A 467 7.71 -18.52 5.58
N THR A 468 7.68 -17.37 6.25
CA THR A 468 8.74 -16.39 6.09
C THR A 468 10.07 -16.97 6.55
N PHE A 469 10.06 -17.60 7.73
CA PHE A 469 11.30 -18.15 8.26
C PHE A 469 11.93 -19.18 7.31
N PHE A 470 11.10 -20.03 6.73
CA PHE A 470 11.62 -21.13 5.92
C PHE A 470 11.88 -20.77 4.45
N LYS A 471 11.15 -19.79 3.93
CA LYS A 471 11.09 -19.64 2.48
C LYS A 471 11.51 -18.29 1.93
N VAL A 472 11.52 -17.25 2.75
CA VAL A 472 11.78 -15.90 2.23
C VAL A 472 13.26 -15.57 2.29
N PRO A 473 13.87 -15.32 1.13
CA PRO A 473 15.31 -15.01 1.13
C PRO A 473 15.60 -13.62 1.67
N GLU A 474 16.79 -13.41 2.20
CA GLU A 474 17.22 -12.06 2.58
C GLU A 474 17.67 -11.33 1.33
N THR A 475 17.12 -10.14 1.11
CA THR A 475 17.40 -9.37 -0.09
C THR A 475 18.34 -8.19 0.13
N ARG A 476 18.59 -7.86 1.39
CA ARG A 476 19.40 -6.70 1.74
C ARG A 476 20.80 -6.71 1.12
N GLY A 477 21.18 -5.61 0.47
CA GLY A 477 22.52 -5.48 -0.08
C GLY A 477 22.83 -6.30 -1.31
N ARG A 478 21.82 -7.00 -1.84
CA ARG A 478 22.03 -7.88 -2.99
C ARG A 478 21.50 -7.27 -4.28
N THR A 479 22.21 -7.45 -5.39
CA THR A 479 21.72 -6.98 -6.66
C THR A 479 20.55 -7.83 -7.14
N PHE A 480 19.74 -7.30 -8.06
CA PHE A 480 18.64 -8.07 -8.60
C PHE A 480 19.17 -9.32 -9.30
N GLU A 481 20.31 -9.20 -9.97
CA GLU A 481 20.91 -10.33 -10.65
C GLU A 481 21.40 -11.39 -9.65
N ASP A 482 22.00 -10.96 -8.54
CA ASP A 482 22.38 -11.89 -7.45
C ASP A 482 21.19 -12.74 -7.01
N ILE A 483 20.08 -12.07 -6.75
CA ILE A 483 18.90 -12.73 -6.23
C ILE A 483 18.31 -13.69 -7.26
N THR A 484 18.30 -13.25 -8.51
CA THR A 484 17.75 -14.06 -9.59
C THR A 484 18.59 -15.33 -9.78
N ARG A 485 19.91 -15.17 -9.78
CA ARG A 485 20.80 -16.33 -9.94
C ARG A 485 20.61 -17.33 -8.82
N ALA A 486 20.34 -16.82 -7.62
CA ALA A 486 20.09 -17.69 -6.46
C ALA A 486 18.82 -18.52 -6.63
N PHE A 487 17.75 -17.91 -7.15
CA PHE A 487 16.54 -18.66 -7.44
C PHE A 487 16.75 -19.71 -8.52
N GLU A 488 17.57 -19.38 -9.51
CA GLU A 488 17.83 -20.31 -10.59
C GLU A 488 18.65 -21.48 -10.05
N GLY A 489 19.58 -21.18 -9.15
CA GLY A 489 20.39 -22.21 -8.51
C GLY A 489 19.57 -23.15 -7.65
N GLN A 490 18.61 -22.58 -6.91
CA GLN A 490 17.70 -23.40 -6.12
C GLN A 490 16.81 -24.24 -7.01
N ALA A 491 16.37 -23.67 -8.12
CA ALA A 491 15.51 -24.38 -9.06
C ALA A 491 16.26 -25.56 -9.69
N HIS A 492 17.55 -25.37 -9.97
CA HIS A 492 18.37 -26.40 -10.60
C HIS A 492 18.80 -27.46 -9.60
C18 OLC B . -18.31 10.99 13.45
C10 OLC B . -10.56 8.12 12.20
C9 OLC B . -9.98 7.00 11.84
C17 OLC B . -17.81 10.49 14.80
C11 OLC B . -12.07 8.26 12.28
C8 OLC B . -10.72 5.74 11.47
C24 OLC B . -12.48 2.61 4.93
C16 OLC B . -16.41 9.87 14.78
C12 OLC B . -12.74 7.43 13.37
C7 OLC B . -9.70 4.80 10.81
C15 OLC B . -16.42 8.35 14.56
C13 OLC B . -13.88 8.21 14.04
C6 OLC B . -9.47 5.23 9.41
C14 OLC B . -15.32 7.83 13.63
C5 OLC B . -8.02 5.40 9.06
C4 OLC B . -7.46 4.03 8.75
C3 OLC B . -8.22 3.43 7.60
C2 OLC B . -8.11 1.97 7.76
C21 OLC B . -10.67 1.15 5.05
C1 OLC B . -8.84 1.32 6.67
C22 OLC B . -12.09 1.25 5.35
O19 OLC B . -8.44 0.30 6.32
O25 OLC B . -12.39 2.60 3.57
O23 OLC B . -12.74 0.32 4.59
O20 OLC B . -9.99 1.92 6.03
C18 OLC C . -22.27 -5.18 3.33
C10 OLC C . -15.21 -5.22 0.49
C9 OLC C . -13.98 -4.72 0.56
C17 OLC C . -21.48 -6.20 4.11
C11 OLC C . -16.33 -4.63 1.32
C8 OLC C . -13.68 -3.55 1.46
C24 OLC C . -3.44 -2.57 -0.80
C16 OLC C . -20.29 -6.71 3.31
C12 OLC C . -17.58 -5.47 1.16
C7 OLC C . -12.18 -3.25 1.44
C15 OLC C . -18.98 -6.19 3.90
C13 OLC C . -18.78 -4.80 1.83
C6 OLC C . -11.90 -1.83 1.89
C14 OLC C . -18.63 -4.82 3.34
C5 OLC C . -11.30 -1.00 0.76
C4 OLC C . -10.38 0.09 1.30
C3 OLC C . -9.02 -0.49 1.68
C2 OLC C . -7.93 0.06 0.76
C21 OLC C . -5.75 -1.69 -0.63
C1 OLC C . -6.58 -0.34 1.29
C22 OLC C . -4.91 -2.94 -0.90
O19 OLC C . -6.03 0.32 2.16
O25 OLC C . -3.04 -2.60 0.58
O23 OLC C . -5.23 -3.95 0.06
O20 OLC C . -5.91 -1.53 0.77
C18 OLC D . 2.04 23.21 -9.01
C10 OLC D . -1.09 19.94 -1.19
C9 OLC D . -0.06 19.19 -0.92
C17 OLC D . 1.44 23.60 -7.69
C11 OLC D . -0.79 21.38 -1.37
C8 OLC D . -0.25 17.73 -0.76
C24 OLC D . 8.99 10.31 1.20
C16 OLC D . 0.69 22.46 -7.04
C12 OLC D . 0.18 21.53 -2.52
C7 OLC D . 0.77 17.29 0.21
C15 OLC D . -0.47 22.78 -6.10
C13 OLC D . -0.56 21.70 -3.82
C6 OLC D . 1.57 16.29 -0.52
C14 OLC D . 0.01 22.81 -4.66
C5 OLC D . 2.13 15.40 0.54
C4 OLC D . 3.06 14.37 -0.05
C3 OLC D . 3.98 13.81 0.97
C2 OLC D . 4.83 12.73 0.36
C21 OLC D . 7.04 10.57 2.60
C1 OLC D . 5.31 11.94 1.53
C22 OLC D . 8.51 10.53 2.61
O19 OLC D . 4.54 11.57 2.37
O25 OLC D . 10.17 11.11 1.15
O23 OLC D . 8.86 11.85 3.00
O20 OLC D . 6.70 11.65 1.75
C1 GLC E . -0.16 -0.89 3.96
C2 GLC E . -1.36 -1.61 3.35
C3 GLC E . -2.63 -0.79 3.42
C4 GLC E . -2.82 -0.35 4.85
C5 GLC E . -1.64 0.46 5.31
C6 GLC E . -1.81 0.80 6.79
O1 GLC E . 0.20 0.09 3.06
O2 GLC E . -1.11 -2.02 2.00
O3 GLC E . -3.72 -1.62 3.05
O4 GLC E . -3.97 0.43 4.94
O5 GLC E . -0.48 -0.32 5.21
O6 GLC E . -0.74 1.56 7.28
C2 BGC F . -1.34 -1.52 3.29
C3 BGC F . -2.70 -0.84 3.44
C4 BGC F . -2.89 -0.34 4.87
C5 BGC F . -1.69 0.46 5.34
C6 BGC F . -1.85 0.89 6.80
C1 BGC F . -0.23 -0.64 3.85
O1 BGC F . 1.02 -1.34 3.77
O2 BGC F . -1.10 -1.76 1.89
O3 BGC F . -3.73 -1.77 3.12
O4 BGC F . -4.07 0.47 4.94
O5 BGC F . -0.51 -0.33 5.21
O6 BGC F . -0.67 1.58 7.22
#